data_5AHL
#
_entry.id   5AHL
#
_cell.length_a   144.837
_cell.length_b   144.837
_cell.length_c   116.868
_cell.angle_alpha   90.00
_cell.angle_beta   90.00
_cell.angle_gamma   90.00
#
_symmetry.space_group_name_H-M   'I 4 2 2'
#
loop_
_entity.id
_entity.type
_entity.pdbx_description
1 polymer "INOSINE-5'-MONOPHOSPHATE DEHYDROGENASE"
2 non-polymer 'SODIUM ION'
3 water water
#
_entity_poly.entity_id   1
_entity_poly.type   'polypeptide(L)'
_entity_poly.pdbx_seq_one_letter_code
;MGSSHHHHHHSSGLVPRGSHMLRISQEALTFDDVLLIPGYSEVLPKDVSLKTRLTRGIELNIPLVSAAMDTVTEARLAIA
MAQEGGIGIIHKNMGIEQQAAEVRKVKKHETAKAKTYPLASKDEQGRLRVGAAVGTGADTGERVAALVAAGVDVVVVDTA
HGHSKGVIERVRWVKQTFPDVQVIGGNIATAEAAKALAEAGADAVKVGIGPGSICTTRIVAGVGVPQISAIANVAAALEG
TGVPLIADGGIRFSGDLAKAMVAGAYCVMMGSMFAGTEEAPGEIELFQGRSYKSYRGMGSLGAMSGSQGSSDRYFQDASA
GAEKLVPEGIEGRVPYKGALSAIVHQLMGGLRAAMGYTGSADIQQMRTQPQFVRITGAGMAESHVHDVQITKEAPNYRVG
;
_entity_poly.pdbx_strand_id   A
#
loop_
_chem_comp.id
_chem_comp.type
_chem_comp.name
_chem_comp.formula
NA non-polymer 'SODIUM ION' 'Na 1'
#
# COMPACT_ATOMS: atom_id res chain seq x y z
N MET A 21 -32.36 -13.45 12.74
CA MET A 21 -33.22 -12.44 12.13
C MET A 21 -32.41 -11.25 11.59
N LEU A 22 -31.21 -11.08 12.13
CA LEU A 22 -30.27 -10.06 11.65
C LEU A 22 -29.84 -10.30 10.21
N ARG A 23 -29.59 -9.22 9.48
CA ARG A 23 -29.07 -9.38 8.13
C ARG A 23 -27.55 -9.52 8.18
N ILE A 24 -27.08 -10.73 8.43
CA ILE A 24 -25.65 -11.01 8.52
C ILE A 24 -25.15 -11.63 7.24
N SER A 25 -24.23 -10.96 6.57
CA SER A 25 -23.67 -11.44 5.32
C SER A 25 -22.77 -12.66 5.50
N GLN A 26 -21.88 -12.59 6.48
CA GLN A 26 -20.89 -13.64 6.72
C GLN A 26 -20.20 -13.37 8.04
N GLU A 27 -19.49 -14.37 8.55
CA GLU A 27 -18.46 -14.12 9.56
C GLU A 27 -17.20 -13.58 8.88
N ALA A 28 -16.62 -12.51 9.40
CA ALA A 28 -15.41 -11.94 8.80
C ALA A 28 -14.20 -12.08 9.73
N LEU A 29 -13.07 -12.50 9.16
CA LEU A 29 -11.88 -12.80 9.96
C LEU A 29 -10.84 -11.69 9.89
N THR A 30 -10.11 -11.53 10.99
CA THR A 30 -9.00 -10.59 11.01
C THR A 30 -7.69 -11.40 11.06
N PHE A 31 -6.55 -10.73 11.05
CA PHE A 31 -5.26 -11.42 11.06
C PHE A 31 -5.11 -12.39 12.24
N ASP A 32 -5.53 -11.98 13.43
CA ASP A 32 -5.38 -12.82 14.62
C ASP A 32 -6.24 -14.09 14.60
N ASP A 33 -7.22 -14.17 13.71
CA ASP A 33 -8.08 -15.34 13.59
C ASP A 33 -7.45 -16.52 12.85
N VAL A 34 -6.36 -16.28 12.12
CA VAL A 34 -5.82 -17.32 11.23
C VAL A 34 -4.32 -17.46 11.33
N LEU A 35 -3.83 -18.64 10.94
CA LEU A 35 -2.40 -18.92 10.83
C LEU A 35 -2.11 -19.64 9.52
N LEU A 36 -0.93 -19.43 8.96
CA LEU A 36 -0.50 -20.15 7.77
C LEU A 36 -0.06 -21.56 8.10
N ILE A 37 -0.48 -22.53 7.28
CA ILE A 37 -0.07 -23.93 7.45
C ILE A 37 1.23 -24.20 6.70
N PRO A 38 2.23 -24.81 7.37
CA PRO A 38 3.46 -25.18 6.65
C PRO A 38 3.17 -26.13 5.50
N GLY A 39 3.91 -26.03 4.39
CA GLY A 39 3.72 -26.91 3.26
C GLY A 39 5.06 -27.46 2.78
N TYR A 40 5.04 -28.46 1.91
CA TYR A 40 6.29 -28.99 1.37
C TYR A 40 7.12 -27.88 0.72
N SER A 41 8.36 -27.73 1.17
CA SER A 41 9.20 -26.67 0.67
C SER A 41 10.54 -27.16 0.09
N GLU A 42 10.94 -26.59 -1.04
CA GLU A 42 12.28 -26.86 -1.55
C GLU A 42 12.96 -25.58 -2.05
N VAL A 43 12.41 -24.42 -1.68
CA VAL A 43 13.05 -23.14 -1.98
C VAL A 43 13.21 -22.35 -0.68
N LEU A 44 14.46 -22.04 -0.33
CA LEU A 44 14.77 -21.33 0.92
C LEU A 44 14.30 -19.87 0.89
N PRO A 45 14.02 -19.29 2.08
CA PRO A 45 13.60 -17.88 2.16
C PRO A 45 14.51 -16.93 1.38
N LYS A 46 15.82 -17.18 1.42
CA LYS A 46 16.74 -16.28 0.73
C LYS A 46 16.59 -16.38 -0.77
N ASP A 47 15.99 -17.47 -1.25
CA ASP A 47 15.91 -17.70 -2.69
C ASP A 47 14.54 -17.46 -3.33
N VAL A 48 13.52 -17.13 -2.55
CA VAL A 48 12.22 -16.88 -3.15
C VAL A 48 12.19 -15.54 -3.90
N SER A 49 11.21 -15.38 -4.78
CA SER A 49 11.03 -14.12 -5.53
C SER A 49 9.93 -13.29 -4.93
N LEU A 50 10.19 -11.99 -4.74
CA LEU A 50 9.23 -11.06 -4.12
C LEU A 50 8.60 -10.12 -5.16
N LYS A 51 8.93 -10.31 -6.43
CA LYS A 51 8.37 -9.45 -7.49
C LYS A 51 6.84 -9.52 -7.58
N THR A 52 6.21 -8.38 -7.84
CA THR A 52 4.75 -8.33 -7.87
C THR A 52 4.32 -7.10 -8.68
N ARG A 53 3.06 -6.69 -8.55
CA ARG A 53 2.56 -5.50 -9.23
C ARG A 53 1.84 -4.57 -8.27
N LEU A 54 1.99 -3.28 -8.50
CA LEU A 54 1.19 -2.28 -7.82
C LEU A 54 -0.12 -2.06 -8.57
N THR A 55 -0.02 -1.95 -9.90
CA THR A 55 -1.16 -1.68 -10.78
C THR A 55 -1.01 -2.51 -12.04
N ARG A 56 -2.02 -2.46 -12.93
CA ARG A 56 -1.93 -3.16 -14.22
C ARG A 56 -0.57 -2.91 -14.88
N GLY A 57 -0.13 -1.67 -14.86
CA GLY A 57 1.07 -1.27 -15.59
C GLY A 57 2.34 -1.02 -14.79
N ILE A 58 2.28 -1.20 -13.46
CA ILE A 58 3.47 -0.93 -12.65
C ILE A 58 3.89 -2.14 -11.83
N GLU A 59 5.10 -2.64 -12.08
CA GLU A 59 5.66 -3.78 -11.35
C GLU A 59 6.53 -3.31 -10.20
N LEU A 60 6.53 -4.04 -9.09
CA LEU A 60 7.41 -3.75 -7.97
C LEU A 60 8.31 -4.94 -7.69
N ASN A 61 9.53 -4.69 -7.23
CA ASN A 61 10.40 -5.80 -6.85
C ASN A 61 10.13 -6.32 -5.43
N ILE A 62 9.48 -5.51 -4.59
CA ILE A 62 8.95 -5.98 -3.29
C ILE A 62 7.52 -5.49 -3.08
N PRO A 63 6.69 -6.28 -2.37
CA PRO A 63 5.27 -5.93 -2.23
C PRO A 63 5.00 -4.90 -1.14
N LEU A 64 5.59 -3.71 -1.25
CA LEU A 64 5.54 -2.72 -0.18
CA LEU A 64 5.51 -2.74 -0.18
C LEU A 64 5.29 -1.31 -0.69
N VAL A 65 4.28 -0.67 -0.12
CA VAL A 65 3.94 0.71 -0.46
C VAL A 65 3.93 1.58 0.79
N SER A 66 4.41 2.82 0.72
CA SER A 66 4.26 3.70 1.87
C SER A 66 2.99 4.58 1.75
N ALA A 67 2.32 4.81 2.89
CA ALA A 67 1.04 5.51 2.94
C ALA A 67 1.12 7.00 2.65
N ALA A 68 0.04 7.51 2.09
CA ALA A 68 -0.10 8.94 1.82
C ALA A 68 -0.47 9.68 3.10
N MET A 69 0.43 9.64 4.09
CA MET A 69 0.24 10.33 5.36
C MET A 69 1.31 11.40 5.54
N ASP A 70 0.95 12.53 6.15
CA ASP A 70 1.90 13.65 6.29
C ASP A 70 2.98 13.36 7.32
N THR A 71 2.86 12.26 8.06
CA THR A 71 3.92 11.81 8.96
C THR A 71 4.81 10.75 8.31
N VAL A 72 4.48 10.38 7.08
CA VAL A 72 5.12 9.23 6.44
C VAL A 72 5.80 9.58 5.12
N THR A 73 5.04 10.03 4.11
CA THR A 73 5.61 10.07 2.76
C THR A 73 5.66 11.46 2.13
N GLU A 74 6.86 12.04 2.11
CA GLU A 74 7.16 13.13 1.18
C GLU A 74 8.30 12.64 0.28
N ALA A 75 9.03 13.53 -0.37
CA ALA A 75 9.95 13.08 -1.43
C ALA A 75 11.05 12.18 -0.91
N ARG A 76 11.60 12.53 0.25
N ARG A 76 11.60 12.53 0.25
CA ARG A 76 12.73 11.82 0.82
C ARG A 76 12.42 10.34 1.07
C ARG A 76 12.42 10.34 1.07
N LEU A 77 11.25 10.05 1.64
CA LEU A 77 10.89 8.66 1.92
C LEU A 77 10.41 7.98 0.65
N ALA A 78 9.70 8.71 -0.21
CA ALA A 78 9.31 8.14 -1.50
C ALA A 78 10.54 7.66 -2.30
N ILE A 79 11.60 8.46 -2.31
CA ILE A 79 12.84 8.06 -2.99
C ILE A 79 13.42 6.78 -2.39
N ALA A 80 13.50 6.73 -1.06
CA ALA A 80 13.98 5.53 -0.38
C ALA A 80 13.11 4.32 -0.70
N MET A 81 11.79 4.51 -0.68
CA MET A 81 10.87 3.41 -0.98
C MET A 81 11.11 2.87 -2.39
N ALA A 82 11.26 3.77 -3.37
CA ALA A 82 11.47 3.29 -4.72
C ALA A 82 12.83 2.60 -4.84
N GLN A 83 13.83 3.11 -4.14
CA GLN A 83 15.16 2.48 -4.17
C GLN A 83 15.14 1.05 -3.61
N GLU A 84 14.27 0.80 -2.62
CA GLU A 84 14.14 -0.53 -2.02
C GLU A 84 13.40 -1.50 -2.92
N GLY A 85 12.74 -0.97 -3.94
CA GLY A 85 11.98 -1.81 -4.85
C GLY A 85 10.46 -1.74 -4.67
N GLY A 86 10.02 -0.81 -3.84
CA GLY A 86 8.60 -0.57 -3.64
C GLY A 86 8.24 0.78 -4.21
N ILE A 87 7.34 1.50 -3.55
CA ILE A 87 6.94 2.82 -4.01
C ILE A 87 6.30 3.60 -2.87
N GLY A 88 6.42 4.92 -2.91
CA GLY A 88 5.73 5.76 -1.94
C GLY A 88 4.62 6.58 -2.58
N ILE A 89 3.57 6.84 -1.80
CA ILE A 89 2.47 7.71 -2.24
C ILE A 89 2.53 9.02 -1.47
N ILE A 90 2.93 10.10 -2.14
CA ILE A 90 3.06 11.40 -1.48
C ILE A 90 1.70 11.92 -0.99
N HIS A 91 1.66 12.41 0.24
CA HIS A 91 0.39 12.81 0.86
C HIS A 91 -0.13 14.12 0.26
N LYS A 92 -1.39 14.42 0.51
CA LYS A 92 -2.01 15.61 -0.08
CA LYS A 92 -2.02 15.60 -0.07
C LYS A 92 -2.33 16.68 0.97
N ASN A 93 -1.79 16.53 2.17
CA ASN A 93 -2.02 17.55 3.20
C ASN A 93 -1.04 18.71 3.06
N MET A 94 -1.07 19.32 1.89
CA MET A 94 -0.21 20.45 1.55
C MET A 94 -0.78 21.09 0.30
N GLY A 95 -0.24 22.25 -0.09
CA GLY A 95 -0.73 22.92 -1.27
C GLY A 95 -0.42 22.11 -2.52
N ILE A 96 -1.19 22.35 -3.58
CA ILE A 96 -1.00 21.66 -4.85
C ILE A 96 0.41 21.86 -5.42
N GLU A 97 0.89 23.10 -5.44
CA GLU A 97 2.24 23.39 -5.91
C GLU A 97 3.29 22.64 -5.10
N GLN A 98 3.12 22.60 -3.79
CA GLN A 98 4.03 21.90 -2.90
C GLN A 98 4.05 20.40 -3.19
N GLN A 99 2.88 19.80 -3.37
CA GLN A 99 2.80 18.36 -3.62
C GLN A 99 3.41 18.00 -4.96
N ALA A 100 3.18 18.86 -5.95
CA ALA A 100 3.79 18.68 -7.26
C ALA A 100 5.31 18.76 -7.17
N ALA A 101 5.80 19.66 -6.31
CA ALA A 101 7.24 19.83 -6.13
C ALA A 101 7.87 18.60 -5.48
N GLU A 102 7.16 17.98 -4.55
CA GLU A 102 7.64 16.73 -3.95
C GLU A 102 7.73 15.64 -5.03
N VAL A 103 6.73 15.56 -5.91
CA VAL A 103 6.78 14.57 -6.98
C VAL A 103 7.98 14.83 -7.89
N ARG A 104 8.23 16.07 -8.24
CA ARG A 104 9.34 16.42 -9.10
C ARG A 104 10.69 16.01 -8.51
N LYS A 105 10.88 16.22 -7.23
CA LYS A 105 12.13 15.81 -6.56
C LYS A 105 12.42 14.33 -6.76
N VAL A 106 11.38 13.51 -6.66
CA VAL A 106 11.56 12.07 -6.82
C VAL A 106 11.95 11.77 -8.26
N LYS A 107 11.20 12.31 -9.21
CA LYS A 107 11.43 12.03 -10.62
C LYS A 107 12.80 12.51 -11.09
N LYS A 108 13.31 13.56 -10.45
CA LYS A 108 14.59 14.16 -10.85
C LYS A 108 15.78 13.66 -10.03
N HIS A 109 15.51 12.84 -9.02
CA HIS A 109 16.58 12.36 -8.15
C HIS A 109 17.61 11.54 -8.91
N GLU A 110 18.88 11.88 -8.72
CA GLU A 110 19.94 11.10 -9.35
C GLU A 110 20.71 10.32 -8.29
N THR A 111 20.90 9.04 -8.56
CA THR A 111 21.56 8.13 -7.63
C THR A 111 22.88 8.70 -7.13
N ALA A 112 23.10 8.61 -5.84
CA ALA A 112 24.36 9.04 -5.24
C ALA A 112 25.52 8.33 -5.91
N LYS A 113 26.60 9.06 -6.15
CA LYS A 113 27.81 8.46 -6.66
C LYS A 113 28.32 7.46 -5.61
N ALA A 114 28.62 6.25 -6.08
CA ALA A 114 29.12 5.11 -5.28
C ALA A 114 28.01 4.31 -4.58
N LYS A 115 26.75 4.58 -4.91
CA LYS A 115 25.65 3.74 -4.45
C LYS A 115 24.93 3.07 -5.62
N THR A 116 24.46 1.86 -5.39
CA THR A 116 23.76 1.08 -6.40
C THR A 116 22.48 0.50 -5.82
N TYR A 117 21.36 0.75 -6.48
CA TYR A 117 20.08 0.22 -6.04
C TYR A 117 19.47 -0.60 -7.16
N PRO A 118 19.91 -1.86 -7.27
CA PRO A 118 19.53 -2.74 -8.39
C PRO A 118 18.06 -3.16 -8.34
N LEU A 119 17.40 -3.00 -7.20
CA LEU A 119 15.99 -3.36 -7.10
C LEU A 119 15.07 -2.20 -7.45
N ALA A 120 15.64 -1.01 -7.68
CA ALA A 120 14.89 0.24 -7.71
C ALA A 120 13.71 0.23 -8.66
N SER A 121 12.57 0.76 -8.19
CA SER A 121 11.39 0.93 -9.05
C SER A 121 11.57 2.14 -9.96
N LYS A 122 11.68 1.88 -11.26
CA LYS A 122 11.96 2.94 -12.22
C LYS A 122 11.01 2.88 -13.40
N ASP A 123 10.73 4.03 -14.01
CA ASP A 123 9.88 4.06 -15.20
C ASP A 123 10.77 3.79 -16.42
N GLU A 124 10.21 3.90 -17.62
CA GLU A 124 10.98 3.53 -18.80
C GLU A 124 12.13 4.50 -19.09
N GLN A 125 12.01 5.75 -18.65
CA GLN A 125 13.11 6.70 -18.77
C GLN A 125 14.18 6.50 -17.69
N GLY A 126 14.00 5.50 -16.84
CA GLY A 126 14.96 5.23 -15.80
C GLY A 126 14.83 6.12 -14.57
N ARG A 127 13.71 6.82 -14.46
CA ARG A 127 13.46 7.68 -13.28
C ARG A 127 12.72 6.88 -12.19
N LEU A 128 13.06 7.16 -10.93
CA LEU A 128 12.39 6.52 -9.81
C LEU A 128 10.87 6.74 -9.91
N ARG A 129 10.10 5.69 -9.63
CA ARG A 129 8.65 5.78 -9.67
C ARG A 129 8.10 6.42 -8.41
N VAL A 130 6.97 7.11 -8.53
CA VAL A 130 6.34 7.73 -7.38
C VAL A 130 4.84 7.85 -7.60
N GLY A 131 4.08 7.78 -6.51
CA GLY A 131 2.66 8.05 -6.53
C GLY A 131 2.31 9.30 -5.74
N ALA A 132 1.07 9.77 -5.88
CA ALA A 132 0.55 10.88 -5.08
C ALA A 132 -0.95 10.74 -4.89
N ALA A 133 -1.43 11.14 -3.71
CA ALA A 133 -2.83 11.02 -3.37
C ALA A 133 -3.63 12.26 -3.74
N VAL A 134 -4.90 12.05 -4.09
CA VAL A 134 -5.88 13.14 -4.19
C VAL A 134 -7.17 12.65 -3.55
N GLY A 135 -8.07 13.59 -3.26
CA GLY A 135 -9.36 13.27 -2.68
C GLY A 135 -10.46 13.56 -3.69
N THR A 136 -11.55 14.18 -3.25
CA THR A 136 -12.67 14.47 -4.18
C THR A 136 -13.18 15.90 -4.12
N GLY A 137 -12.54 16.75 -3.31
CA GLY A 137 -12.93 18.15 -3.25
C GLY A 137 -12.93 18.95 -4.55
N ALA A 138 -13.20 20.25 -4.43
CA ALA A 138 -13.41 21.12 -5.60
C ALA A 138 -12.14 21.45 -6.39
N ASP A 139 -10.97 21.30 -5.77
CA ASP A 139 -9.71 21.58 -6.44
CA ASP A 139 -9.75 21.58 -6.53
C ASP A 139 -8.98 20.30 -6.85
N THR A 140 -9.68 19.17 -6.81
CA THR A 140 -9.06 17.88 -7.11
C THR A 140 -8.53 17.84 -8.55
N GLY A 141 -9.33 18.31 -9.49
CA GLY A 141 -8.91 18.31 -10.89
C GLY A 141 -7.61 19.05 -11.08
N GLU A 142 -7.54 20.24 -10.52
CA GLU A 142 -6.32 21.03 -10.56
C GLU A 142 -5.15 20.31 -9.89
N ARG A 143 -5.43 19.63 -8.78
CA ARG A 143 -4.35 18.91 -8.09
C ARG A 143 -3.83 17.75 -8.93
N VAL A 144 -4.73 16.93 -9.46
CA VAL A 144 -4.34 15.84 -10.36
C VAL A 144 -3.48 16.33 -11.53
N ALA A 145 -3.90 17.42 -12.17
CA ALA A 145 -3.17 17.98 -13.31
C ALA A 145 -1.75 18.38 -12.93
N ALA A 146 -1.59 18.99 -11.78
CA ALA A 146 -0.26 19.39 -11.35
C ALA A 146 0.63 18.17 -11.12
N LEU A 147 0.07 17.13 -10.47
CA LEU A 147 0.82 15.91 -10.18
C LEU A 147 1.27 15.22 -11.46
N VAL A 148 0.35 15.12 -12.41
CA VAL A 148 0.65 14.47 -13.68
C VAL A 148 1.73 15.24 -14.43
N ALA A 149 1.63 16.56 -14.42
CA ALA A 149 2.61 17.40 -15.11
C ALA A 149 3.99 17.28 -14.48
N ALA A 150 4.01 17.02 -13.17
CA ALA A 150 5.25 16.85 -12.42
C ALA A 150 5.88 15.47 -12.67
N GLY A 151 5.13 14.61 -13.34
CA GLY A 151 5.66 13.33 -13.78
C GLY A 151 5.28 12.15 -12.90
N VAL A 152 4.18 12.28 -12.16
CA VAL A 152 3.76 11.22 -11.23
C VAL A 152 3.45 9.95 -12.02
N ASP A 153 3.77 8.79 -11.45
CA ASP A 153 3.49 7.51 -12.11
C ASP A 153 2.08 7.00 -11.86
N VAL A 154 1.54 7.30 -10.70
CA VAL A 154 0.23 6.77 -10.34
C VAL A 154 -0.49 7.78 -9.45
N VAL A 155 -1.76 7.99 -9.75
CA VAL A 155 -2.60 8.88 -8.96
C VAL A 155 -3.49 8.00 -8.09
N VAL A 156 -3.51 8.28 -6.79
CA VAL A 156 -4.31 7.49 -5.86
C VAL A 156 -5.50 8.33 -5.43
N VAL A 157 -6.68 7.98 -5.94
CA VAL A 157 -7.92 8.61 -5.51
C VAL A 157 -8.25 7.94 -4.20
N ASP A 158 -8.00 8.65 -3.12
CA ASP A 158 -7.84 8.08 -1.78
C ASP A 158 -8.86 8.67 -0.83
N THR A 159 -9.92 7.92 -0.55
CA THR A 159 -10.98 8.43 0.33
C THR A 159 -11.42 7.40 1.36
N ALA A 160 -12.24 7.83 2.30
CA ALA A 160 -12.69 6.96 3.39
C ALA A 160 -13.72 5.96 2.90
N HIS A 161 -14.40 6.29 1.82
CA HIS A 161 -15.45 5.43 1.26
C HIS A 161 -15.35 5.47 -0.27
N GLY A 162 -14.56 4.57 -0.84
CA GLY A 162 -14.34 4.55 -2.28
C GLY A 162 -15.53 4.04 -3.09
N HIS A 163 -16.41 3.28 -2.44
CA HIS A 163 -17.61 2.77 -3.12
C HIS A 163 -18.70 3.82 -3.09
N SER A 164 -18.42 4.96 -3.70
CA SER A 164 -19.34 6.09 -3.70
C SER A 164 -19.33 6.80 -5.06
N LYS A 165 -20.41 7.50 -5.35
CA LYS A 165 -20.54 8.18 -6.64
C LYS A 165 -19.36 9.11 -6.88
N GLY A 166 -19.03 9.92 -5.89
CA GLY A 166 -17.95 10.89 -6.01
C GLY A 166 -16.58 10.29 -6.37
N VAL A 167 -16.23 9.19 -5.72
CA VAL A 167 -14.94 8.56 -5.97
C VAL A 167 -14.93 7.86 -7.31
N ILE A 168 -16.00 7.13 -7.60
CA ILE A 168 -16.10 6.40 -8.85
C ILE A 168 -16.05 7.39 -10.03
N GLU A 169 -16.78 8.49 -9.90
CA GLU A 169 -16.73 9.51 -10.95
C GLU A 169 -15.35 10.16 -11.09
N ARG A 170 -14.64 10.37 -9.97
CA ARG A 170 -13.32 10.98 -10.03
C ARG A 170 -12.35 10.01 -10.69
N VAL A 171 -12.49 8.70 -10.40
CA VAL A 171 -11.62 7.71 -11.01
C VAL A 171 -11.84 7.72 -12.53
N ARG A 172 -13.10 7.78 -12.96
CA ARG A 172 -13.41 7.88 -14.40
C ARG A 172 -12.80 9.14 -15.02
N TRP A 173 -12.95 10.27 -14.32
CA TRP A 173 -12.40 11.53 -14.83
C TRP A 173 -10.88 11.46 -14.99
N VAL A 174 -10.18 10.85 -14.03
CA VAL A 174 -8.72 10.73 -14.19
C VAL A 174 -8.35 9.85 -15.39
N LYS A 175 -9.06 8.73 -15.55
CA LYS A 175 -8.75 7.82 -16.65
C LYS A 175 -9.04 8.46 -18.01
N GLN A 176 -10.10 9.28 -18.05
CA GLN A 176 -10.49 9.97 -19.27
C GLN A 176 -9.54 11.13 -19.58
N THR A 177 -9.22 11.92 -18.55
CA THR A 177 -8.42 13.12 -18.75
C THR A 177 -6.95 12.80 -18.99
N PHE A 178 -6.43 11.82 -18.26
CA PHE A 178 -5.04 11.45 -18.37
C PHE A 178 -4.88 9.94 -18.58
N PRO A 179 -5.16 9.46 -19.80
CA PRO A 179 -5.14 8.03 -20.14
C PRO A 179 -3.78 7.35 -19.92
N ASP A 180 -2.69 8.11 -19.92
CA ASP A 180 -1.36 7.52 -19.78
C ASP A 180 -0.89 7.36 -18.33
N VAL A 181 -1.71 7.77 -17.37
CA VAL A 181 -1.30 7.63 -15.97
C VAL A 181 -2.08 6.50 -15.32
N GLN A 182 -1.41 5.79 -14.42
CA GLN A 182 -2.03 4.72 -13.65
C GLN A 182 -2.93 5.33 -12.58
N VAL A 183 -4.04 4.68 -12.25
CA VAL A 183 -4.92 5.19 -11.21
C VAL A 183 -5.33 4.10 -10.21
N ILE A 184 -5.20 4.42 -8.93
CA ILE A 184 -5.64 3.55 -7.86
C ILE A 184 -6.88 4.18 -7.22
N GLY A 185 -7.92 3.38 -6.98
CA GLY A 185 -9.08 3.87 -6.27
C GLY A 185 -9.28 3.15 -4.94
N GLY A 186 -9.74 3.88 -3.94
CA GLY A 186 -10.01 3.30 -2.63
C GLY A 186 -10.56 4.33 -1.67
N ASN A 187 -10.82 3.92 -0.43
CA ASN A 187 -10.65 2.55 0.03
C ASN A 187 -11.95 1.75 -0.08
N ILE A 188 -11.82 0.45 -0.30
CA ILE A 188 -12.99 -0.43 -0.37
C ILE A 188 -12.81 -1.66 0.51
N ALA A 189 -13.88 -2.43 0.66
CA ALA A 189 -13.82 -3.63 1.49
C ALA A 189 -14.76 -4.75 1.03
N THR A 190 -15.35 -4.61 -0.16
CA THR A 190 -16.31 -5.62 -0.63
C THR A 190 -16.10 -6.01 -2.10
N ALA A 191 -16.66 -7.16 -2.49
CA ALA A 191 -16.59 -7.61 -3.86
C ALA A 191 -17.29 -6.64 -4.80
N GLU A 192 -18.44 -6.13 -4.38
CA GLU A 192 -19.20 -5.21 -5.22
C GLU A 192 -18.43 -3.91 -5.47
N ALA A 193 -17.75 -3.41 -4.45
CA ALA A 193 -16.99 -2.18 -4.61
C ALA A 193 -15.80 -2.38 -5.54
N ALA A 194 -15.17 -3.54 -5.46
CA ALA A 194 -14.03 -3.86 -6.31
C ALA A 194 -14.45 -3.86 -7.78
N LYS A 195 -15.60 -4.48 -8.04
CA LYS A 195 -16.10 -4.56 -9.40
C LYS A 195 -16.45 -3.15 -9.91
N ALA A 196 -17.06 -2.33 -9.06
CA ALA A 196 -17.43 -0.97 -9.47
C ALA A 196 -16.20 -0.15 -9.83
N LEU A 197 -15.13 -0.28 -9.05
CA LEU A 197 -13.93 0.50 -9.32
C LEU A 197 -13.25 -0.02 -10.58
N ALA A 198 -13.25 -1.34 -10.76
CA ALA A 198 -12.63 -1.93 -11.95
C ALA A 198 -13.34 -1.42 -13.20
N GLU A 199 -14.67 -1.44 -13.14
CA GLU A 199 -15.50 -0.95 -14.24
C GLU A 199 -15.24 0.53 -14.51
N ALA A 200 -14.98 1.31 -13.46
CA ALA A 200 -14.68 2.73 -13.65
C ALA A 200 -13.30 2.93 -14.27
N GLY A 201 -12.52 1.86 -14.36
CA GLY A 201 -11.21 1.92 -14.99
C GLY A 201 -10.02 2.01 -14.07
N ALA A 202 -10.20 1.70 -12.78
CA ALA A 202 -9.07 1.70 -11.85
C ALA A 202 -8.01 0.68 -12.27
N ASP A 203 -6.73 1.05 -12.19
CA ASP A 203 -5.65 0.13 -12.50
C ASP A 203 -5.25 -0.72 -11.28
N ALA A 204 -5.78 -0.33 -10.13
CA ALA A 204 -5.70 -1.14 -8.92
C ALA A 204 -6.72 -0.63 -7.91
N VAL A 205 -7.00 -1.43 -6.90
CA VAL A 205 -7.88 -0.95 -5.82
C VAL A 205 -7.12 -1.04 -4.48
N LYS A 206 -7.49 -0.19 -3.53
CA LYS A 206 -6.90 -0.21 -2.20
C LYS A 206 -7.94 -0.66 -1.18
N VAL A 207 -7.58 -1.65 -0.38
CA VAL A 207 -8.53 -2.34 0.51
C VAL A 207 -8.32 -2.00 1.98
N GLY A 208 -9.38 -1.51 2.64
CA GLY A 208 -9.31 -1.27 4.07
C GLY A 208 -10.33 -0.24 4.55
N ILE A 209 -11.44 -0.72 5.10
CA ILE A 209 -12.42 0.12 5.76
C ILE A 209 -12.61 -0.41 7.17
N GLY A 210 -12.30 0.41 8.16
CA GLY A 210 -12.32 -0.04 9.54
C GLY A 210 -11.55 -1.33 9.80
N PRO A 211 -10.33 -1.46 9.22
CA PRO A 211 -9.67 -2.76 9.35
C PRO A 211 -9.16 -3.05 10.77
N GLY A 212 -8.79 -2.01 11.51
CA GLY A 212 -8.26 -2.21 12.85
C GLY A 212 -9.34 -2.28 13.92
N SER A 213 -9.06 -3.00 15.00
CA SER A 213 -10.05 -3.09 16.08
C SER A 213 -10.24 -1.73 16.77
N ILE A 214 -9.25 -0.86 16.66
CA ILE A 214 -9.26 0.42 17.39
C ILE A 214 -9.63 1.63 16.55
N CYS A 215 -9.99 1.42 15.29
CA CYS A 215 -10.20 2.57 14.42
CA CYS A 215 -10.28 2.50 14.33
C CYS A 215 -11.49 3.35 14.72
N THR A 216 -11.47 4.61 14.30
CA THR A 216 -12.55 5.54 14.59
C THR A 216 -13.80 5.21 13.78
N THR A 217 -13.61 4.64 12.59
CA THR A 217 -14.75 4.23 11.76
C THR A 217 -15.67 3.27 12.52
N ARG A 218 -15.08 2.33 13.27
CA ARG A 218 -15.85 1.38 14.04
C ARG A 218 -16.55 2.03 15.22
N ILE A 219 -15.83 2.91 15.91
CA ILE A 219 -16.37 3.49 17.14
C ILE A 219 -17.42 4.56 16.83
N VAL A 220 -17.14 5.39 15.82
CA VAL A 220 -18.03 6.49 15.49
C VAL A 220 -19.22 6.03 14.65
N ALA A 221 -18.97 5.18 13.67
CA ALA A 221 -20.00 4.84 12.71
C ALA A 221 -20.48 3.39 12.80
N GLY A 222 -19.75 2.55 13.55
CA GLY A 222 -20.13 1.14 13.68
C GLY A 222 -19.83 0.33 12.42
N VAL A 223 -18.94 0.88 11.59
CA VAL A 223 -18.69 0.37 10.24
C VAL A 223 -17.30 -0.26 10.13
N GLY A 224 -17.19 -1.41 9.48
CA GLY A 224 -15.89 -1.98 9.18
C GLY A 224 -15.95 -3.40 8.70
N VAL A 225 -14.88 -3.83 8.03
CA VAL A 225 -14.72 -5.21 7.61
C VAL A 225 -13.33 -5.69 8.03
N PRO A 226 -13.27 -6.69 8.92
CA PRO A 226 -12.00 -7.32 9.28
C PRO A 226 -11.17 -7.65 8.04
N GLN A 227 -9.89 -7.31 8.11
CA GLN A 227 -9.09 -7.10 6.91
C GLN A 227 -8.79 -8.39 6.13
N ILE A 228 -8.67 -9.52 6.82
CA ILE A 228 -8.37 -10.77 6.13
C ILE A 228 -9.54 -11.13 5.19
N SER A 229 -10.78 -11.03 5.67
CA SER A 229 -11.95 -11.31 4.82
C SER A 229 -12.15 -10.23 3.75
N ALA A 230 -11.89 -8.96 4.09
CA ALA A 230 -12.00 -7.88 3.11
C ALA A 230 -11.07 -8.14 1.93
N ILE A 231 -9.83 -8.51 2.24
CA ILE A 231 -8.84 -8.80 1.20
C ILE A 231 -9.27 -9.98 0.33
N ALA A 232 -9.71 -11.07 0.97
CA ALA A 232 -10.08 -12.27 0.23
C ALA A 232 -11.32 -12.04 -0.62
N ASN A 233 -12.27 -11.25 -0.13
CA ASN A 233 -13.47 -10.97 -0.93
C ASN A 233 -13.13 -10.13 -2.16
N VAL A 234 -12.24 -9.16 -1.99
CA VAL A 234 -11.85 -8.32 -3.10
C VAL A 234 -11.01 -9.11 -4.10
N ALA A 235 -10.16 -10.02 -3.61
CA ALA A 235 -9.32 -10.86 -4.46
C ALA A 235 -10.16 -11.75 -5.38
N ALA A 236 -11.16 -12.39 -4.81
CA ALA A 236 -12.06 -13.26 -5.58
C ALA A 236 -12.82 -12.47 -6.64
N ALA A 237 -13.29 -11.28 -6.27
CA ALA A 237 -13.99 -10.43 -7.22
C ALA A 237 -13.11 -10.01 -8.39
N LEU A 238 -11.82 -9.81 -8.15
CA LEU A 238 -10.94 -9.33 -9.21
C LEU A 238 -10.15 -10.44 -9.91
N GLU A 239 -10.34 -11.67 -9.46
CA GLU A 239 -9.66 -12.81 -10.04
CA GLU A 239 -9.66 -12.80 -10.05
C GLU A 239 -9.89 -12.86 -11.55
N GLY A 240 -8.81 -12.94 -12.31
CA GLY A 240 -8.88 -13.01 -13.76
C GLY A 240 -9.09 -11.70 -14.48
N THR A 241 -9.09 -10.59 -13.75
CA THR A 241 -9.26 -9.27 -14.39
C THR A 241 -7.95 -8.58 -14.70
N GLY A 242 -6.88 -8.98 -14.01
CA GLY A 242 -5.60 -8.31 -14.10
C GLY A 242 -5.47 -7.06 -13.23
N VAL A 243 -6.45 -6.81 -12.38
CA VAL A 243 -6.41 -5.62 -11.50
C VAL A 243 -5.87 -5.97 -10.12
N PRO A 244 -4.69 -5.42 -9.75
CA PRO A 244 -4.16 -5.71 -8.41
C PRO A 244 -4.97 -5.07 -7.27
N LEU A 245 -4.80 -5.61 -6.07
CA LEU A 245 -5.39 -5.00 -4.89
C LEU A 245 -4.28 -4.79 -3.86
N ILE A 246 -4.35 -3.64 -3.18
CA ILE A 246 -3.36 -3.22 -2.20
C ILE A 246 -4.00 -3.29 -0.83
N ALA A 247 -3.35 -3.99 0.12
CA ALA A 247 -3.90 -4.06 1.48
C ALA A 247 -3.47 -2.85 2.33
N ASP A 248 -4.45 -2.17 2.93
CA ASP A 248 -4.16 -0.92 3.61
C ASP A 248 -4.76 -0.87 5.01
N GLY A 249 -4.00 -1.36 6.00
CA GLY A 249 -4.38 -1.21 7.39
C GLY A 249 -4.47 -2.51 8.17
N GLY A 250 -4.31 -2.43 9.50
CA GLY A 250 -4.48 -3.60 10.34
C GLY A 250 -3.23 -4.46 10.51
N ILE A 251 -2.17 -4.11 9.79
CA ILE A 251 -0.95 -4.93 9.81
C ILE A 251 0.03 -4.41 10.85
N ARG A 252 0.30 -5.22 11.88
CA ARG A 252 1.11 -4.79 13.02
C ARG A 252 2.54 -5.33 12.99
N PHE A 253 2.72 -6.54 12.45
CA PHE A 253 4.06 -7.11 12.33
C PHE A 253 4.17 -7.90 11.05
N SER A 254 5.38 -8.41 10.78
CA SER A 254 5.65 -9.03 9.51
C SER A 254 4.76 -10.25 9.28
N GLY A 255 4.39 -10.95 10.35
CA GLY A 255 3.52 -12.11 10.22
C GLY A 255 2.17 -11.76 9.59
N ASP A 256 1.60 -10.62 9.98
CA ASP A 256 0.36 -10.11 9.39
C ASP A 256 0.54 -9.84 7.90
N LEU A 257 1.69 -9.29 7.54
CA LEU A 257 1.95 -8.99 6.13
C LEU A 257 1.87 -10.25 5.28
N ALA A 258 2.50 -11.33 5.75
CA ALA A 258 2.45 -12.60 5.03
C ALA A 258 1.02 -13.13 4.91
N LYS A 259 0.23 -13.02 5.98
CA LYS A 259 -1.16 -13.43 5.96
C LYS A 259 -1.97 -12.61 4.94
N ALA A 260 -1.67 -11.32 4.83
CA ALA A 260 -2.37 -10.46 3.87
C ALA A 260 -2.11 -10.93 2.43
N MET A 261 -0.87 -11.33 2.15
CA MET A 261 -0.52 -11.79 0.81
C MET A 261 -1.25 -13.09 0.48
N VAL A 262 -1.27 -14.01 1.44
CA VAL A 262 -1.91 -15.29 1.21
C VAL A 262 -3.42 -15.12 1.08
N ALA A 263 -3.98 -14.10 1.75
CA ALA A 263 -5.39 -13.76 1.59
C ALA A 263 -5.69 -13.21 0.18
N GLY A 264 -4.66 -12.78 -0.55
CA GLY A 264 -4.85 -12.37 -1.94
C GLY A 264 -4.29 -11.01 -2.31
N ALA A 265 -3.74 -10.29 -1.34
CA ALA A 265 -3.16 -8.98 -1.63
C ALA A 265 -1.97 -9.11 -2.58
N TYR A 266 -1.77 -8.10 -3.44
CA TYR A 266 -0.60 -8.05 -4.33
C TYR A 266 0.55 -7.32 -3.69
N CYS A 267 0.20 -6.38 -2.82
CA CYS A 267 1.20 -5.68 -2.04
CA CYS A 267 1.15 -5.50 -2.14
C CYS A 267 0.54 -5.04 -0.84
N VAL A 268 1.34 -4.55 0.09
CA VAL A 268 0.83 -4.02 1.33
C VAL A 268 1.29 -2.58 1.55
N MET A 269 0.36 -1.72 1.97
CA MET A 269 0.68 -0.36 2.31
C MET A 269 0.92 -0.19 3.81
N MET A 270 2.05 0.40 4.18
CA MET A 270 2.36 0.66 5.59
C MET A 270 2.32 2.16 5.86
N GLY A 271 1.78 2.54 7.01
CA GLY A 271 1.77 3.94 7.39
C GLY A 271 2.60 4.22 8.62
N SER A 272 1.95 4.23 9.78
CA SER A 272 2.61 4.66 11.01
C SER A 272 3.87 3.86 11.34
N MET A 273 3.97 2.63 10.84
CA MET A 273 5.22 1.90 11.07
C MET A 273 6.43 2.60 10.44
N PHE A 274 6.18 3.39 9.40
CA PHE A 274 7.25 4.12 8.72
C PHE A 274 7.46 5.52 9.27
N ALA A 275 6.47 6.04 9.99
CA ALA A 275 6.60 7.35 10.61
C ALA A 275 7.74 7.29 11.61
N GLY A 276 8.55 8.34 11.68
CA GLY A 276 9.62 8.38 12.66
C GLY A 276 10.93 7.82 12.12
N THR A 277 10.92 7.34 10.89
CA THR A 277 12.18 6.94 10.27
C THR A 277 12.94 8.19 9.85
N GLU A 278 14.21 8.00 9.53
CA GLU A 278 15.06 9.09 9.11
C GLU A 278 14.50 9.80 7.87
N GLU A 279 13.99 9.01 6.92
CA GLU A 279 13.54 9.55 5.65
C GLU A 279 12.14 10.20 5.73
N ALA A 280 11.37 9.83 6.75
CA ALA A 280 10.02 10.37 6.95
C ALA A 280 10.08 11.83 7.35
N PRO A 281 8.96 12.56 7.16
CA PRO A 281 8.94 13.97 7.58
C PRO A 281 9.17 14.14 9.09
N GLY A 282 9.50 15.37 9.48
CA GLY A 282 9.70 15.69 10.87
C GLY A 282 11.19 15.84 11.18
N GLU A 283 11.50 16.36 12.35
CA GLU A 283 12.89 16.58 12.72
C GLU A 283 13.21 15.89 14.04
N ILE A 284 14.39 15.28 14.12
CA ILE A 284 14.79 14.56 15.31
C ILE A 284 14.98 15.52 16.50
N GLU A 285 14.48 15.12 17.66
CA GLU A 285 14.67 15.92 18.86
C GLU A 285 14.90 15.02 20.07
N LEU A 286 15.59 15.57 21.07
CA LEU A 286 15.77 14.89 22.33
C LEU A 286 14.54 15.05 23.19
N PHE A 287 13.99 13.94 23.66
CA PHE A 287 12.84 14.02 24.55
C PHE A 287 12.91 12.88 25.53
N GLN A 288 12.89 13.21 26.81
CA GLN A 288 13.04 12.23 27.89
C GLN A 288 14.29 11.37 27.74
N GLY A 289 15.40 12.00 27.35
CA GLY A 289 16.68 11.33 27.25
C GLY A 289 16.75 10.35 26.09
N ARG A 290 16.06 10.69 25.01
CA ARG A 290 15.77 9.68 24.01
C ARG A 290 15.33 10.35 22.70
N SER A 291 15.62 9.76 21.55
CA SER A 291 15.35 10.45 20.29
C SER A 291 13.92 10.25 19.81
N TYR A 292 13.30 11.36 19.42
CA TYR A 292 11.96 11.36 18.83
C TYR A 292 11.98 12.15 17.53
N LYS A 293 10.92 12.02 16.73
CA LYS A 293 10.69 12.94 15.63
C LYS A 293 9.57 13.89 15.99
N SER A 294 9.78 15.17 15.72
CA SER A 294 8.82 16.21 16.08
C SER A 294 8.30 16.89 14.82
N TYR A 295 7.06 17.40 14.86
CA TYR A 295 6.44 17.98 13.66
C TYR A 295 6.07 19.46 13.78
N ARG A 333 4.71 13.90 18.77
CA ARG A 333 6.01 13.28 18.50
C ARG A 333 5.95 11.75 18.54
N VAL A 334 6.75 11.13 17.68
CA VAL A 334 6.84 9.69 17.60
C VAL A 334 8.31 9.29 17.80
N PRO A 335 8.56 8.13 18.39
CA PRO A 335 9.89 7.56 18.50
C PRO A 335 10.67 7.59 17.18
N TYR A 336 11.92 8.02 17.24
CA TYR A 336 12.81 7.91 16.11
C TYR A 336 13.15 6.44 15.83
N LYS A 337 13.10 6.05 14.57
CA LYS A 337 13.25 4.64 14.19
C LYS A 337 14.49 4.35 13.36
N GLY A 338 15.27 5.37 13.04
CA GLY A 338 16.46 5.15 12.24
C GLY A 338 16.09 4.97 10.80
N ALA A 339 16.94 4.27 10.04
CA ALA A 339 16.77 4.22 8.59
C ALA A 339 15.62 3.29 8.17
N LEU A 340 14.86 3.75 7.19
CA LEU A 340 13.76 2.99 6.61
C LEU A 340 14.18 1.58 6.21
N SER A 341 15.40 1.44 5.69
CA SER A 341 15.86 0.14 5.18
CA SER A 341 15.88 0.15 5.19
C SER A 341 15.80 -0.98 6.21
N ALA A 342 16.03 -0.67 7.49
CA ALA A 342 15.99 -1.70 8.52
C ALA A 342 14.58 -2.23 8.75
N ILE A 343 13.58 -1.34 8.67
CA ILE A 343 12.19 -1.78 8.79
C ILE A 343 11.80 -2.65 7.59
N VAL A 344 12.17 -2.21 6.40
CA VAL A 344 11.86 -2.98 5.19
C VAL A 344 12.48 -4.36 5.26
N HIS A 345 13.72 -4.42 5.73
CA HIS A 345 14.41 -5.69 5.89
C HIS A 345 13.63 -6.65 6.82
N GLN A 346 13.10 -6.13 7.93
CA GLN A 346 12.35 -6.96 8.86
C GLN A 346 11.08 -7.49 8.20
N LEU A 347 10.35 -6.60 7.55
CA LEU A 347 9.09 -6.94 6.94
C LEU A 347 9.30 -7.98 5.84
N MET A 348 10.27 -7.73 4.97
CA MET A 348 10.51 -8.65 3.86
C MET A 348 11.20 -9.95 4.31
N GLY A 349 11.96 -9.89 5.41
CA GLY A 349 12.54 -11.11 5.96
C GLY A 349 11.47 -12.04 6.51
N GLY A 350 10.49 -11.46 7.20
CA GLY A 350 9.36 -12.22 7.68
C GLY A 350 8.52 -12.79 6.55
N LEU A 351 8.29 -12.00 5.50
CA LEU A 351 7.56 -12.53 4.34
C LEU A 351 8.34 -13.71 3.72
N ARG A 352 9.64 -13.54 3.55
CA ARG A 352 10.46 -14.61 2.98
C ARG A 352 10.37 -15.88 3.83
N ALA A 353 10.42 -15.72 5.14
CA ALA A 353 10.29 -16.86 6.04
C ALA A 353 8.98 -17.59 5.81
N ALA A 354 7.87 -16.84 5.67
CA ALA A 354 6.56 -17.46 5.47
C ALA A 354 6.48 -18.17 4.13
N MET A 355 7.11 -17.59 3.12
CA MET A 355 7.14 -18.21 1.80
C MET A 355 7.90 -19.55 1.86
N GLY A 356 9.02 -19.56 2.58
CA GLY A 356 9.75 -20.80 2.80
C GLY A 356 8.92 -21.86 3.53
N TYR A 357 8.24 -21.45 4.60
CA TYR A 357 7.40 -22.37 5.37
C TYR A 357 6.27 -22.97 4.57
N THR A 358 5.70 -22.18 3.67
CA THR A 358 4.55 -22.65 2.90
C THR A 358 4.99 -23.25 1.57
N GLY A 359 6.29 -23.19 1.28
CA GLY A 359 6.80 -23.68 0.01
C GLY A 359 6.39 -22.85 -1.20
N SER A 360 6.27 -21.55 -1.00
CA SER A 360 5.92 -20.64 -2.10
C SER A 360 7.19 -20.06 -2.69
N ALA A 361 7.43 -20.32 -3.98
CA ALA A 361 8.67 -19.89 -4.62
C ALA A 361 8.60 -18.44 -5.06
N ASP A 362 7.38 -17.94 -5.26
CA ASP A 362 7.22 -16.55 -5.67
C ASP A 362 5.89 -16.00 -5.18
N ILE A 363 5.62 -14.72 -5.46
CA ILE A 363 4.42 -14.06 -4.94
C ILE A 363 3.13 -14.66 -5.50
N GLN A 364 3.14 -15.02 -6.79
CA GLN A 364 1.96 -15.60 -7.42
C GLN A 364 1.55 -16.90 -6.71
N GLN A 365 2.54 -17.74 -6.36
CA GLN A 365 2.27 -18.94 -5.57
C GLN A 365 1.83 -18.59 -4.13
N MET A 366 2.47 -17.59 -3.54
CA MET A 366 2.12 -17.19 -2.16
C MET A 366 0.66 -16.73 -2.08
N ARG A 367 0.20 -16.03 -3.12
CA ARG A 367 -1.14 -15.46 -3.11
C ARG A 367 -2.22 -16.51 -3.32
N THR A 368 -1.88 -17.62 -3.97
CA THR A 368 -2.90 -18.54 -4.49
C THR A 368 -2.87 -19.95 -3.92
N GLN A 369 -1.75 -20.36 -3.34
CA GLN A 369 -1.58 -21.76 -2.97
C GLN A 369 -1.69 -22.12 -1.48
N PRO A 370 -1.03 -21.35 -0.58
CA PRO A 370 -1.08 -21.80 0.82
C PRO A 370 -2.46 -21.73 1.45
N GLN A 371 -2.65 -22.48 2.54
CA GLN A 371 -3.90 -22.49 3.27
C GLN A 371 -3.73 -21.92 4.68
N PHE A 372 -4.82 -21.48 5.28
CA PHE A 372 -4.87 -21.05 6.67
C PHE A 372 -5.49 -22.12 7.55
N VAL A 373 -5.15 -22.14 8.84
CA VAL A 373 -6.06 -22.70 9.81
C VAL A 373 -6.71 -21.54 10.52
N ARG A 374 -7.96 -21.75 10.90
CA ARG A 374 -8.65 -20.81 11.75
C ARG A 374 -8.44 -21.19 13.21
N ILE A 375 -8.14 -20.23 14.07
CA ILE A 375 -7.89 -20.55 15.46
C ILE A 375 -8.88 -19.84 16.39
N THR A 376 -8.89 -20.23 17.66
CA THR A 376 -9.79 -19.63 18.65
C THR A 376 -9.10 -18.51 19.42
N GLY A 377 -9.87 -17.78 20.21
CA GLY A 377 -9.29 -16.83 21.14
C GLY A 377 -8.19 -17.44 21.99
N ALA A 378 -8.42 -18.67 22.44
CA ALA A 378 -7.45 -19.39 23.27
C ALA A 378 -6.12 -19.57 22.57
NA NA B . 5.24 -25.16 -3.43
#